data_4UVN
#
_entry.id   4UVN
#
_cell.length_a   90.690
_cell.length_b   98.150
_cell.length_c   118.000
_cell.angle_alpha   90.00
_cell.angle_beta   90.00
_cell.angle_gamma   90.00
#
_symmetry.space_group_name_H-M   'C 2 2 21'
#
loop_
_entity.id
_entity.type
_entity.pdbx_description
1 polymer TANKYRASE-2
2 non-polymer 'ZINC ION'
3 non-polymer 'SULFATE ION'
4 non-polymer 5-amino-3-(4-chlorophenyl)isoquinolin-1(2H)-one
5 non-polymer GLYCEROL
6 water water
#
_entity_poly.entity_id   1
_entity_poly.type   'polypeptide(L)'
_entity_poly.pdbx_seq_one_letter_code
;MHHHHHHSSGVDLGTENLYFQSMLNTSGSGTILIDLSPDDKEFQSVEEEMQSTVREHRDGGHAGGIFNRYNILKIQKVCN
KKLWERYTHRRKEVSEENHNHANERMLFHGSPFVNAIIHKGFDERHAYIGGMFGAGIYFAENSSKSNQYVYGIGGGTGCP
VHKDRSCYICHRQLLFCRVTLGKSFLQFSAMKMAHSPPGHHSVTGRPSVNGLALAEYVIYRGEQAYPEYLITYQIMRPEG
;
_entity_poly.pdbx_strand_id   A,B
#
loop_
_chem_comp.id
_chem_comp.type
_chem_comp.name
_chem_comp.formula
CDJ non-polymer 5-amino-3-(4-chlorophenyl)isoquinolin-1(2H)-one 'C15 H11 Cl N2 O'
GOL non-polymer GLYCEROL 'C3 H8 O3'
SO4 non-polymer 'SULFATE ION' 'O4 S -2'
ZN non-polymer 'ZINC ION' 'Zn 2'
#
# COMPACT_ATOMS: atom_id res chain seq x y z
N GLY A 30 11.03 -25.26 -26.02
CA GLY A 30 11.46 -26.23 -24.95
C GLY A 30 10.36 -26.67 -23.98
N THR A 31 9.35 -25.84 -23.82
CA THR A 31 8.37 -26.10 -22.76
C THR A 31 7.29 -27.02 -23.26
N ILE A 32 6.97 -28.03 -22.46
CA ILE A 32 5.72 -28.76 -22.66
C ILE A 32 4.82 -28.69 -21.43
N LEU A 33 3.51 -28.69 -21.67
CA LEU A 33 2.51 -28.65 -20.62
C LEU A 33 1.80 -30.00 -20.49
N ILE A 34 1.93 -30.66 -19.34
CA ILE A 34 1.27 -31.95 -19.08
C ILE A 34 0.08 -31.78 -18.15
N ASP A 35 -1.12 -32.13 -18.59
CA ASP A 35 -2.32 -31.93 -17.77
C ASP A 35 -2.30 -32.88 -16.60
N LEU A 36 -2.78 -32.45 -15.44
CA LEU A 36 -2.90 -33.33 -14.30
C LEU A 36 -4.35 -33.74 -14.17
N SER A 37 -4.58 -35.02 -13.89
CA SER A 37 -5.93 -35.49 -13.59
C SER A 37 -6.38 -34.87 -12.27
N PRO A 38 -7.66 -34.51 -12.17
CA PRO A 38 -8.20 -34.10 -10.89
C PRO A 38 -8.17 -35.19 -9.83
N ASP A 39 -8.00 -36.44 -10.26
CA ASP A 39 -7.87 -37.59 -9.35
C ASP A 39 -6.48 -37.72 -8.75
N ASP A 40 -5.53 -36.96 -9.28
CA ASP A 40 -4.11 -37.06 -8.95
C ASP A 40 -3.83 -36.18 -7.73
N LYS A 41 -3.19 -36.72 -6.71
CA LYS A 41 -3.04 -36.01 -5.43
C LYS A 41 -2.28 -34.70 -5.58
N GLU A 42 -1.49 -34.60 -6.66
CA GLU A 42 -0.72 -33.41 -6.96
C GLU A 42 -1.67 -32.32 -7.43
N PHE A 43 -2.69 -32.70 -8.19
CA PHE A 43 -3.76 -31.77 -8.58
C PHE A 43 -4.46 -31.26 -7.34
N GLN A 44 -4.77 -32.18 -6.42
CA GLN A 44 -5.58 -31.81 -5.29
C GLN A 44 -4.82 -30.88 -4.37
N SER A 45 -3.52 -31.13 -4.17
CA SER A 45 -2.74 -30.32 -3.25
C SER A 45 -2.54 -28.89 -3.78
N VAL A 46 -2.27 -28.73 -5.08
CA VAL A 46 -2.22 -27.41 -5.72
C VAL A 46 -3.56 -26.67 -5.66
N GLU A 47 -4.67 -27.33 -6.01
CA GLU A 47 -6.01 -26.72 -5.89
C GLU A 47 -6.25 -26.27 -4.45
N GLU A 48 -5.86 -27.09 -3.48
CA GLU A 48 -6.12 -26.75 -2.07
C GLU A 48 -5.37 -25.46 -1.64
N GLU A 49 -4.14 -25.29 -2.12
CA GLU A 49 -3.37 -24.08 -1.83
C GLU A 49 -3.96 -22.85 -2.53
N MET A 50 -4.42 -23.03 -3.75
CA MET A 50 -5.12 -22.01 -4.48
C MET A 50 -6.35 -21.53 -3.70
N GLN A 51 -7.18 -22.48 -3.31
CA GLN A 51 -8.46 -22.19 -2.70
C GLN A 51 -8.35 -21.62 -1.26
N SER A 52 -7.46 -22.19 -0.47
CA SER A 52 -7.38 -21.88 0.93
C SER A 52 -6.58 -20.62 1.21
N THR A 53 -5.91 -20.08 0.20
CA THR A 53 -5.21 -18.82 0.38
C THR A 53 -5.96 -17.64 -0.23
N VAL A 54 -7.24 -17.81 -0.59
CA VAL A 54 -8.08 -16.66 -0.96
C VAL A 54 -8.36 -15.81 0.28
N ARG A 55 -8.24 -14.49 0.13
CA ARG A 55 -8.65 -13.58 1.19
C ARG A 55 -9.43 -12.44 0.59
N GLU A 56 -10.06 -11.68 1.46
CA GLU A 56 -10.64 -10.40 1.08
C GLU A 56 -9.54 -9.35 0.96
N HIS A 57 -9.71 -8.45 -0.01
CA HIS A 57 -8.73 -7.43 -0.27
C HIS A 57 -9.30 -6.06 0.11
N ARG A 58 -8.42 -5.09 0.37
CA ARG A 58 -8.86 -3.80 0.93
C ARG A 58 -9.49 -2.92 -0.13
N ASP A 59 -9.34 -3.32 -1.40
CA ASP A 59 -9.96 -2.63 -2.50
C ASP A 59 -11.40 -3.05 -2.72
N GLY A 60 -11.93 -3.88 -1.82
CA GLY A 60 -13.26 -4.46 -1.95
C GLY A 60 -13.54 -5.22 -3.24
N GLY A 61 -12.50 -5.67 -3.93
CA GLY A 61 -12.65 -6.43 -5.19
C GLY A 61 -12.39 -5.65 -6.45
N HIS A 62 -11.95 -4.39 -6.31
CA HIS A 62 -11.75 -3.55 -7.47
C HIS A 62 -10.76 -4.16 -8.50
N ALA A 63 -9.60 -4.62 -8.05
CA ALA A 63 -8.54 -5.06 -8.98
C ALA A 63 -8.85 -6.43 -9.54
N GLY A 64 -9.22 -7.35 -8.66
CA GLY A 64 -9.30 -8.74 -8.97
C GLY A 64 -10.68 -9.36 -9.01
N GLY A 65 -11.73 -8.59 -8.71
CA GLY A 65 -13.09 -9.11 -8.68
C GLY A 65 -13.56 -9.51 -7.31
N ILE A 66 -14.84 -9.82 -7.20
CA ILE A 66 -15.46 -10.21 -5.93
C ILE A 66 -15.71 -11.73 -5.97
N PHE A 67 -15.13 -12.47 -5.03
CA PHE A 67 -15.18 -13.94 -5.03
C PHE A 67 -14.59 -14.44 -3.74
N ASN A 68 -15.04 -15.60 -3.31
CA ASN A 68 -14.48 -16.26 -2.13
C ASN A 68 -13.76 -17.52 -2.50
N ARG A 69 -14.00 -17.97 -3.72
CA ARG A 69 -13.39 -19.18 -4.19
C ARG A 69 -13.33 -19.20 -5.71
N TYR A 70 -12.66 -20.23 -6.23
CA TYR A 70 -12.43 -20.39 -7.64
C TYR A 70 -13.06 -21.65 -8.21
N ASN A 71 -13.39 -21.59 -9.49
CA ASN A 71 -13.70 -22.77 -10.26
C ASN A 71 -12.43 -23.18 -11.00
N ILE A 72 -11.78 -24.24 -10.56
CA ILE A 72 -10.50 -24.65 -11.19
C ILE A 72 -10.83 -25.48 -12.42
N LEU A 73 -10.31 -25.04 -13.56
CA LEU A 73 -10.62 -25.65 -14.85
C LEU A 73 -9.50 -26.59 -15.32
N LYS A 74 -8.26 -26.20 -15.06
CA LYS A 74 -7.14 -27.04 -15.44
C LYS A 74 -5.91 -26.69 -14.61
N ILE A 75 -5.19 -27.74 -14.16
CA ILE A 75 -3.84 -27.59 -13.63
C ILE A 75 -2.85 -28.35 -14.51
N GLN A 76 -1.82 -27.67 -14.99
CA GLN A 76 -0.80 -28.27 -15.85
C GLN A 76 0.59 -28.11 -15.26
N LYS A 77 1.40 -29.16 -15.34
CA LYS A 77 2.77 -29.11 -14.89
C LYS A 77 3.63 -28.51 -16.01
N VAL A 78 4.52 -27.57 -15.69
CA VAL A 78 5.29 -26.90 -16.72
C VAL A 78 6.65 -27.57 -16.79
N CYS A 79 6.98 -28.16 -17.93
CA CYS A 79 8.20 -28.97 -18.06
C CYS A 79 9.13 -28.37 -19.07
N ASN A 80 10.24 -27.80 -18.59
CA ASN A 80 11.31 -27.25 -19.45
C ASN A 80 12.64 -27.51 -18.77
N LYS A 81 13.41 -28.41 -19.36
CA LYS A 81 14.68 -28.89 -18.81
C LYS A 81 15.66 -27.73 -18.67
N LYS A 82 15.85 -26.98 -19.72
CA LYS A 82 16.73 -25.83 -19.70
C LYS A 82 16.38 -24.88 -18.55
N LEU A 83 15.09 -24.51 -18.45
CA LEU A 83 14.64 -23.55 -17.44
C LEU A 83 14.81 -24.11 -16.03
N TRP A 84 14.51 -25.39 -15.87
CA TRP A 84 14.69 -26.09 -14.60
C TRP A 84 16.16 -26.08 -14.17
N GLU A 85 17.05 -26.32 -15.11
CA GLU A 85 18.47 -26.34 -14.80
C GLU A 85 18.98 -24.94 -14.51
N ARG A 86 18.42 -23.94 -15.19
CA ARG A 86 18.69 -22.53 -14.86
C ARG A 86 18.31 -22.26 -13.38
N TYR A 87 17.15 -22.77 -12.98
CA TYR A 87 16.68 -22.60 -11.61
C TYR A 87 17.55 -23.34 -10.56
N THR A 88 17.84 -24.62 -10.79
CA THR A 88 18.60 -25.44 -9.81
C THR A 88 20.05 -24.99 -9.67
N HIS A 89 20.63 -24.46 -10.75
CA HIS A 89 21.97 -23.87 -10.67
C HIS A 89 21.97 -22.69 -9.70
N ARG A 90 21.00 -21.78 -9.84
CA ARG A 90 20.97 -20.59 -9.02
C ARG A 90 20.65 -20.95 -7.57
N ARG A 91 19.72 -21.87 -7.40
CA ARG A 91 19.35 -22.38 -6.10
C ARG A 91 20.57 -22.89 -5.35
N LYS A 92 21.43 -23.62 -6.05
CA LYS A 92 22.67 -24.14 -5.46
C LYS A 92 23.60 -22.99 -5.06
N GLU A 93 23.78 -22.03 -5.94
CA GLU A 93 24.57 -20.85 -5.60
C GLU A 93 24.04 -20.18 -4.33
N VAL A 94 22.72 -19.95 -4.28
CA VAL A 94 22.12 -19.30 -3.12
C VAL A 94 22.34 -20.11 -1.83
N SER A 95 22.08 -21.40 -1.86
CA SER A 95 22.13 -22.16 -0.64
C SER A 95 23.58 -22.25 -0.11
N GLU A 96 24.54 -22.29 -1.02
CA GLU A 96 25.94 -22.30 -0.65
C GLU A 96 26.36 -21.00 0.05
N GLU A 97 25.69 -19.88 -0.26
CA GLU A 97 25.88 -18.59 0.43
C GLU A 97 25.07 -18.46 1.74
N ASN A 98 24.35 -19.53 2.11
CA ASN A 98 23.30 -19.44 3.14
C ASN A 98 23.24 -20.75 3.90
N HIS A 99 24.41 -21.22 4.32
CA HIS A 99 24.56 -22.41 5.15
C HIS A 99 23.67 -23.55 4.67
N ASN A 100 23.75 -23.81 3.37
CA ASN A 100 23.06 -24.91 2.68
C ASN A 100 21.51 -24.83 2.76
N HIS A 101 21.00 -23.62 2.68
CA HIS A 101 19.57 -23.37 2.89
C HIS A 101 19.09 -22.47 1.78
N ALA A 102 18.44 -23.05 0.78
CA ALA A 102 17.85 -22.28 -0.31
C ALA A 102 16.66 -21.44 0.14
N ASN A 103 15.98 -21.85 1.20
CA ASN A 103 14.75 -21.20 1.65
C ASN A 103 13.79 -21.14 0.47
N GLU A 104 13.45 -22.34 -0.01
CA GLU A 104 12.56 -22.51 -1.15
C GLU A 104 11.09 -22.56 -0.71
N ARG A 105 10.27 -21.81 -1.42
CA ARG A 105 8.83 -21.77 -1.17
C ARG A 105 8.06 -22.08 -2.46
N MET A 106 6.79 -22.43 -2.29
CA MET A 106 5.85 -22.46 -3.41
C MET A 106 4.90 -21.26 -3.24
N LEU A 107 4.86 -20.38 -4.24
CA LEU A 107 4.22 -19.06 -4.18
C LEU A 107 3.50 -18.76 -5.49
N PHE A 108 2.41 -18.01 -5.42
CA PHE A 108 1.68 -17.65 -6.61
C PHE A 108 2.28 -16.47 -7.35
N HIS A 109 2.05 -16.44 -8.66
CA HIS A 109 2.41 -15.30 -9.50
C HIS A 109 1.34 -15.09 -10.57
N GLY A 110 0.87 -13.86 -10.64
CA GLY A 110 -0.14 -13.42 -11.59
C GLY A 110 0.46 -12.34 -12.47
N SER A 111 0.26 -12.47 -13.78
CA SER A 111 0.87 -11.58 -14.73
C SER A 111 0.18 -11.64 -16.07
N PRO A 112 0.18 -10.51 -16.80
CA PRO A 112 -0.22 -10.54 -18.19
C PRO A 112 0.81 -11.23 -19.06
N PHE A 113 1.98 -11.57 -18.53
CA PHE A 113 3.01 -12.21 -19.35
C PHE A 113 3.16 -13.68 -19.04
N VAL A 114 2.14 -14.27 -18.46
CA VAL A 114 2.22 -15.64 -18.05
C VAL A 114 2.67 -16.51 -19.21
N ASN A 115 2.16 -16.28 -20.43
CA ASN A 115 2.43 -17.18 -21.52
C ASN A 115 3.87 -17.05 -22.00
N ALA A 116 4.42 -15.84 -21.94
CA ALA A 116 5.86 -15.63 -22.13
C ALA A 116 6.71 -16.32 -21.06
N ILE A 117 6.24 -16.23 -19.81
CA ILE A 117 7.04 -16.70 -18.70
C ILE A 117 7.28 -18.19 -18.82
N ILE A 118 6.23 -18.94 -19.12
CA ILE A 118 6.33 -20.38 -19.18
C ILE A 118 7.18 -20.90 -20.35
N HIS A 119 7.42 -20.09 -21.39
CA HIS A 119 8.31 -20.51 -22.50
C HIS A 119 9.74 -20.04 -22.38
N LYS A 120 9.94 -18.83 -21.84
CA LYS A 120 11.28 -18.22 -21.80
C LYS A 120 11.82 -18.05 -20.39
N GLY A 121 10.99 -18.34 -19.40
CA GLY A 121 11.36 -18.19 -18.00
C GLY A 121 11.21 -16.75 -17.53
N PHE A 122 11.34 -16.55 -16.23
CA PHE A 122 11.29 -15.24 -15.63
C PHE A 122 12.53 -14.41 -15.98
N ASP A 123 12.32 -13.16 -16.35
CA ASP A 123 13.41 -12.22 -16.53
C ASP A 123 12.93 -10.79 -16.21
N GLU A 124 13.80 -9.83 -16.44
CA GLU A 124 13.54 -8.41 -16.11
C GLU A 124 12.30 -7.79 -16.77
N ARG A 125 11.81 -8.41 -17.84
CA ARG A 125 10.61 -7.94 -18.49
C ARG A 125 9.37 -8.26 -17.70
N HIS A 126 9.50 -9.14 -16.71
CA HIS A 126 8.35 -9.58 -15.93
C HIS A 126 8.26 -8.89 -14.56
N ALA A 127 9.17 -7.95 -14.31
CA ALA A 127 9.22 -7.23 -13.04
C ALA A 127 8.05 -6.27 -12.89
N TYR A 128 7.63 -6.09 -11.67
CA TYR A 128 6.73 -5.00 -11.32
C TYR A 128 7.58 -3.78 -11.03
N ILE A 129 7.70 -2.90 -12.01
CA ILE A 129 8.62 -1.77 -11.91
C ILE A 129 8.20 -0.84 -10.78
N GLY A 130 6.90 -0.62 -10.60
CA GLY A 130 6.43 0.31 -9.56
C GLY A 130 6.11 -0.30 -8.20
N GLY A 131 6.62 -1.50 -7.91
CA GLY A 131 6.28 -2.18 -6.67
C GLY A 131 6.87 -1.54 -5.41
N MET A 132 6.21 -1.76 -4.28
CA MET A 132 6.61 -1.12 -3.02
C MET A 132 8.00 -1.52 -2.54
N PHE A 133 8.55 -2.61 -3.08
CA PHE A 133 9.89 -3.04 -2.72
C PHE A 133 10.83 -2.93 -3.89
N GLY A 134 10.51 -2.04 -4.84
CA GLY A 134 11.36 -1.76 -5.99
C GLY A 134 11.10 -2.69 -7.17
N ALA A 135 11.84 -2.45 -8.25
CA ALA A 135 11.69 -3.17 -9.50
C ALA A 135 12.22 -4.61 -9.34
N GLY A 136 11.29 -5.54 -9.24
CA GLY A 136 11.63 -6.94 -9.03
C GLY A 136 10.42 -7.74 -9.41
N ILE A 137 10.52 -9.06 -9.27
CA ILE A 137 9.46 -9.96 -9.65
C ILE A 137 8.78 -10.40 -8.36
N TYR A 138 7.46 -10.25 -8.32
CA TYR A 138 6.69 -10.29 -7.09
C TYR A 138 5.91 -11.58 -7.03
N PHE A 139 5.96 -12.25 -5.88
CA PHE A 139 5.19 -13.44 -5.62
C PHE A 139 4.35 -13.31 -4.35
N ALA A 140 3.25 -14.07 -4.24
CA ALA A 140 2.32 -13.97 -3.11
C ALA A 140 2.01 -15.32 -2.50
N GLU A 141 1.87 -15.34 -1.17
CA GLU A 141 1.30 -16.48 -0.49
C GLU A 141 -0.19 -16.58 -0.74
N ASN A 142 -0.88 -15.44 -0.77
CA ASN A 142 -2.31 -15.41 -1.11
C ASN A 142 -2.53 -15.51 -2.64
N SER A 143 -3.20 -16.56 -3.10
CA SER A 143 -3.59 -16.66 -4.51
C SER A 143 -4.40 -15.46 -5.00
N SER A 144 -5.33 -14.98 -4.15
CA SER A 144 -6.17 -13.82 -4.50
C SER A 144 -5.35 -12.55 -4.73
N LYS A 145 -4.19 -12.44 -4.06
CA LYS A 145 -3.29 -11.33 -4.33
C LYS A 145 -2.74 -11.38 -5.76
N SER A 146 -2.13 -12.50 -6.15
CA SER A 146 -1.69 -12.65 -7.53
C SER A 146 -2.87 -12.50 -8.51
N ASN A 147 -4.05 -12.93 -8.12
CA ASN A 147 -5.18 -12.81 -9.03
C ASN A 147 -5.44 -11.34 -9.49
N GLN A 148 -5.06 -10.38 -8.65
CA GLN A 148 -5.21 -8.96 -8.95
C GLN A 148 -4.35 -8.52 -10.12
N TYR A 149 -3.31 -9.28 -10.47
CA TYR A 149 -2.40 -8.82 -11.52
C TYR A 149 -2.54 -9.57 -12.84
N VAL A 150 -3.50 -10.47 -12.90
CA VAL A 150 -3.71 -11.35 -14.05
C VAL A 150 -4.05 -10.52 -15.27
N TYR A 151 -4.88 -9.50 -15.09
CA TYR A 151 -5.18 -8.58 -16.18
C TYR A 151 -4.33 -7.32 -16.17
N GLY A 152 -3.29 -7.30 -15.34
CA GLY A 152 -2.38 -6.18 -15.27
C GLY A 152 -2.38 -5.47 -13.92
N ILE A 153 -1.54 -4.43 -13.81
CA ILE A 153 -1.40 -3.66 -12.60
C ILE A 153 -2.77 -3.07 -12.22
N GLY A 154 -3.21 -3.31 -10.99
CA GLY A 154 -4.53 -2.85 -10.56
C GLY A 154 -5.67 -3.52 -11.31
N GLY A 155 -5.37 -4.65 -11.94
CA GLY A 155 -6.39 -5.35 -12.73
C GLY A 155 -6.60 -4.79 -14.11
N GLY A 156 -5.87 -3.72 -14.45
CA GLY A 156 -5.95 -3.11 -15.77
C GLY A 156 -7.36 -2.67 -16.10
N THR A 157 -7.77 -2.96 -17.32
CA THR A 157 -9.13 -2.71 -17.75
C THR A 157 -10.00 -4.00 -17.72
N GLY A 158 -9.61 -4.98 -16.90
CA GLY A 158 -10.33 -6.25 -16.86
C GLY A 158 -10.05 -7.19 -18.02
N CYS A 159 -10.90 -8.21 -18.15
CA CYS A 159 -10.76 -9.24 -19.17
C CYS A 159 -10.82 -8.60 -20.55
N PRO A 160 -10.02 -9.09 -21.51
CA PRO A 160 -10.05 -8.49 -22.85
C PRO A 160 -11.40 -8.57 -23.55
N VAL A 161 -12.25 -9.53 -23.19
CA VAL A 161 -13.53 -9.68 -23.85
C VAL A 161 -14.66 -8.77 -23.30
N HIS A 162 -14.79 -8.65 -21.98
CA HIS A 162 -15.90 -7.86 -21.39
C HIS A 162 -15.43 -6.57 -20.72
N LYS A 163 -14.11 -6.33 -20.69
CA LYS A 163 -13.53 -5.18 -19.99
C LYS A 163 -13.99 -5.13 -18.52
N ASP A 164 -14.01 -6.29 -17.88
CA ASP A 164 -14.56 -6.49 -16.55
C ASP A 164 -13.50 -7.16 -15.64
N ARG A 165 -12.94 -6.37 -14.73
CA ARG A 165 -12.03 -6.90 -13.69
C ARG A 165 -12.63 -7.98 -12.82
N SER A 166 -13.96 -8.03 -12.73
CA SER A 166 -14.62 -9.06 -11.95
C SER A 166 -15.33 -10.10 -12.84
N CYS A 167 -14.85 -10.32 -14.05
CA CYS A 167 -15.51 -11.28 -14.95
C CYS A 167 -15.58 -12.66 -14.31
N TYR A 168 -16.77 -13.25 -14.36
CA TYR A 168 -17.00 -14.59 -13.87
C TYR A 168 -17.01 -15.63 -15.01
N ILE A 169 -16.88 -15.15 -16.24
CA ILE A 169 -16.97 -15.98 -17.44
C ILE A 169 -15.59 -16.28 -18.02
N CYS A 170 -14.78 -15.25 -18.24
CA CYS A 170 -13.49 -15.45 -18.88
C CYS A 170 -12.55 -16.27 -18.00
N HIS A 171 -11.68 -17.02 -18.68
CA HIS A 171 -10.82 -18.00 -18.06
C HIS A 171 -9.54 -17.26 -17.71
N ARG A 172 -9.03 -17.49 -16.51
CA ARG A 172 -7.83 -16.80 -16.04
C ARG A 172 -6.75 -17.81 -15.81
N GLN A 173 -5.51 -17.34 -15.75
CA GLN A 173 -4.37 -18.19 -15.45
C GLN A 173 -3.47 -17.57 -14.39
N LEU A 174 -3.06 -18.38 -13.42
CA LEU A 174 -2.02 -18.05 -12.46
C LEU A 174 -0.89 -19.09 -12.57
N LEU A 175 0.30 -18.73 -12.10
CA LEU A 175 1.36 -19.70 -11.90
C LEU A 175 1.55 -19.98 -10.42
N PHE A 176 1.79 -21.23 -10.10
CA PHE A 176 2.23 -21.62 -8.77
C PHE A 176 3.70 -22.00 -8.90
N CYS A 177 4.57 -21.21 -8.27
CA CYS A 177 5.98 -21.20 -8.62
C CYS A 177 6.87 -21.67 -7.50
N ARG A 178 7.94 -22.37 -7.86
CA ARG A 178 9.00 -22.73 -6.90
C ARG A 178 9.94 -21.56 -6.85
N VAL A 179 10.22 -21.03 -5.66
CA VAL A 179 10.94 -19.73 -5.54
C VAL A 179 12.05 -19.84 -4.53
N THR A 180 13.23 -19.39 -4.87
CA THR A 180 14.33 -19.46 -3.92
C THR A 180 14.45 -18.11 -3.23
N LEU A 181 14.22 -18.07 -1.93
CA LEU A 181 14.32 -16.80 -1.18
C LEU A 181 15.72 -16.50 -0.64
N GLY A 182 16.50 -17.55 -0.34
CA GLY A 182 17.76 -17.36 0.34
C GLY A 182 17.59 -16.55 1.63
N LYS A 183 18.52 -15.64 1.88
CA LYS A 183 18.44 -14.79 3.06
C LYS A 183 17.55 -13.68 2.63
N SER A 184 16.36 -13.60 3.22
CA SER A 184 15.39 -12.59 2.79
C SER A 184 15.39 -11.38 3.75
N PHE A 185 15.35 -10.20 3.17
CA PHE A 185 15.32 -8.97 3.94
C PHE A 185 13.89 -8.68 4.37
N LEU A 186 13.65 -8.57 5.67
CA LEU A 186 12.30 -8.40 6.20
C LEU A 186 11.95 -6.92 6.16
N GLN A 187 10.95 -6.59 5.35
CA GLN A 187 10.41 -5.25 5.27
C GLN A 187 9.07 -5.30 5.97
N PHE A 188 8.96 -4.63 7.12
CA PHE A 188 7.67 -4.49 7.76
C PHE A 188 6.99 -3.42 6.95
N SER A 189 5.70 -3.62 6.69
CA SER A 189 5.07 -2.80 5.65
C SER A 189 3.59 -2.63 5.88
N ALA A 190 3.13 -1.44 5.49
CA ALA A 190 1.74 -1.03 5.62
C ALA A 190 0.94 -1.41 4.36
N MET A 191 0.33 -2.60 4.42
CA MET A 191 -0.41 -3.19 3.30
C MET A 191 -1.55 -4.08 3.80
N MET A 193 15.95 -3.86 -13.82
CA MET A 193 15.57 -4.46 -12.54
C MET A 193 16.51 -3.99 -11.41
N ALA A 194 15.98 -3.84 -10.18
CA ALA A 194 16.80 -3.41 -9.04
C ALA A 194 17.70 -4.55 -8.56
N HIS A 195 18.36 -4.35 -7.44
CA HIS A 195 19.17 -5.37 -6.81
C HIS A 195 18.59 -5.69 -5.43
N SER A 196 18.88 -6.92 -4.96
CA SER A 196 18.65 -7.29 -3.58
C SER A 196 19.42 -6.36 -2.67
N PRO A 197 18.90 -6.17 -1.46
CA PRO A 197 19.71 -5.48 -0.48
C PRO A 197 21.03 -6.24 -0.22
N PRO A 198 22.14 -5.51 -0.02
CA PRO A 198 23.42 -6.12 0.29
C PRO A 198 23.32 -7.27 1.26
N GLY A 199 23.94 -8.39 0.89
CA GLY A 199 23.94 -9.60 1.73
C GLY A 199 22.62 -10.36 1.84
N HIS A 200 21.66 -10.07 0.96
CA HIS A 200 20.39 -10.81 0.93
C HIS A 200 20.10 -11.31 -0.49
N HIS A 201 19.14 -12.23 -0.62
CA HIS A 201 18.79 -12.76 -1.94
C HIS A 201 17.36 -12.45 -2.37
N SER A 202 16.60 -11.80 -1.49
CA SER A 202 15.19 -11.49 -1.73
C SER A 202 14.69 -10.50 -0.69
N VAL A 203 13.47 -10.01 -0.90
CA VAL A 203 12.80 -9.14 0.07
C VAL A 203 11.47 -9.79 0.45
N THR A 204 11.20 -9.83 1.74
CA THR A 204 9.94 -10.31 2.26
C THR A 204 9.07 -9.12 2.70
N GLY A 205 7.90 -9.01 2.08
CA GLY A 205 6.92 -8.01 2.44
C GLY A 205 5.99 -8.55 3.50
N ARG A 206 6.26 -8.15 4.74
CA ARG A 206 5.54 -8.62 5.91
CA ARG A 206 5.52 -8.62 5.91
C ARG A 206 4.37 -7.68 6.19
N PRO A 207 3.14 -8.20 6.26
N PRO A 207 3.19 -8.26 6.33
CA PRO A 207 2.04 -7.24 6.52
CA PRO A 207 1.92 -7.61 6.40
C PRO A 207 2.12 -6.64 7.93
C PRO A 207 1.32 -7.62 7.80
N SER A 208 1.87 -5.33 8.07
N SER A 208 0.20 -6.94 7.93
CA SER A 208 1.90 -4.68 9.40
CA SER A 208 -0.83 -7.23 8.92
C SER A 208 0.62 -3.92 9.74
C SER A 208 -0.34 -7.83 10.20
N VAL A 209 -0.49 -4.27 9.08
N VAL A 209 -0.30 -7.05 11.27
CA VAL A 209 -1.74 -3.58 9.30
CA VAL A 209 -0.52 -7.63 12.59
C VAL A 209 -2.96 -4.45 8.98
C VAL A 209 -2.02 -7.47 12.81
N ASN A 210 -2.99 -4.99 7.76
N ASN A 210 -2.54 -6.31 12.40
CA ASN A 210 -4.06 -5.90 7.35
CA ASN A 210 -3.97 -6.04 12.45
C ASN A 210 -3.91 -7.26 8.01
C ASN A 210 -4.70 -6.76 11.34
N GLY A 211 -4.61 -7.41 9.13
N GLY A 211 -3.96 -7.59 10.59
CA GLY A 211 -4.56 -8.60 9.95
CA GLY A 211 -4.52 -8.20 9.38
C GLY A 211 -4.46 -9.93 9.22
C GLY A 211 -4.45 -9.71 9.14
N LEU A 212 -5.23 -10.11 8.15
CA LEU A 212 -5.32 -11.44 7.59
C LEU A 212 -4.45 -11.64 6.35
N ALA A 213 -3.76 -10.58 5.93
CA ALA A 213 -2.91 -10.66 4.74
C ALA A 213 -1.75 -11.63 4.95
N LEU A 214 -1.49 -12.49 3.96
CA LEU A 214 -0.24 -13.27 3.96
C LEU A 214 0.92 -12.46 3.33
N ALA A 215 2.14 -12.96 3.49
CA ALA A 215 3.32 -12.29 3.03
C ALA A 215 3.44 -12.26 1.51
N GLU A 216 4.23 -11.31 1.05
CA GLU A 216 4.59 -11.14 -0.34
C GLU A 216 6.11 -11.14 -0.40
N TYR A 217 6.66 -11.55 -1.54
CA TYR A 217 8.08 -11.72 -1.70
C TYR A 217 8.51 -11.15 -3.02
N VAL A 218 9.75 -10.68 -3.09
CA VAL A 218 10.32 -10.15 -4.32
C VAL A 218 11.72 -10.74 -4.50
N ILE A 219 11.98 -11.23 -5.72
CA ILE A 219 13.34 -11.62 -6.12
C ILE A 219 13.81 -10.69 -7.23
N TYR A 220 15.11 -10.53 -7.33
CA TYR A 220 15.65 -9.61 -8.31
C TYR A 220 16.47 -10.33 -9.37
N ARG A 221 16.46 -11.67 -9.34
CA ARG A 221 17.03 -12.54 -10.37
CA ARG A 221 17.00 -12.47 -10.42
C ARG A 221 15.92 -13.48 -10.84
N GLY A 222 15.56 -13.45 -12.12
CA GLY A 222 14.55 -14.36 -12.64
C GLY A 222 14.90 -15.83 -12.52
N GLU A 223 16.19 -16.15 -12.45
CA GLU A 223 16.65 -17.51 -12.26
C GLU A 223 16.27 -18.08 -10.90
N GLN A 224 15.79 -17.24 -9.97
CA GLN A 224 15.41 -17.71 -8.63
C GLN A 224 13.94 -18.16 -8.52
N ALA A 225 13.31 -18.40 -9.64
CA ALA A 225 11.97 -18.94 -9.64
C ALA A 225 11.78 -19.85 -10.86
N TYR A 226 10.95 -20.85 -10.69
CA TYR A 226 10.60 -21.76 -11.77
C TYR A 226 9.09 -21.86 -11.78
N PRO A 227 8.48 -21.62 -12.94
CA PRO A 227 7.01 -21.60 -13.08
C PRO A 227 6.39 -22.97 -13.17
N GLU A 228 6.27 -23.66 -12.04
CA GLU A 228 6.02 -25.10 -12.03
C GLU A 228 4.64 -25.53 -12.46
N TYR A 229 3.62 -24.82 -12.00
CA TYR A 229 2.23 -25.18 -12.32
C TYR A 229 1.49 -24.02 -13.00
N LEU A 230 0.78 -24.32 -14.08
CA LEU A 230 -0.13 -23.36 -14.73
C LEU A 230 -1.55 -23.76 -14.31
N ILE A 231 -2.24 -22.85 -13.65
CA ILE A 231 -3.57 -23.09 -13.18
C ILE A 231 -4.52 -22.23 -14.03
N THR A 232 -5.48 -22.89 -14.70
CA THR A 232 -6.52 -22.21 -15.46
C THR A 232 -7.81 -22.29 -14.63
N TYR A 233 -8.45 -21.15 -14.45
CA TYR A 233 -9.53 -21.06 -13.47
C TYR A 233 -10.48 -19.92 -13.81
N GLN A 234 -11.64 -19.90 -13.15
CA GLN A 234 -12.51 -18.71 -13.12
C GLN A 234 -12.71 -18.30 -11.67
N ILE A 235 -12.88 -17.01 -11.40
CA ILE A 235 -13.40 -16.62 -10.09
C ILE A 235 -14.91 -16.90 -10.09
N MET A 236 -15.45 -17.21 -8.92
CA MET A 236 -16.84 -17.58 -8.79
C MET A 236 -17.64 -16.51 -8.04
N ARG A 237 -18.83 -16.22 -8.54
CA ARG A 237 -19.74 -15.26 -7.91
C ARG A 237 -20.28 -15.85 -6.61
N PRO A 238 -20.07 -15.15 -5.47
CA PRO A 238 -20.63 -15.57 -4.18
C PRO A 238 -22.16 -15.74 -4.23
N GLU A 239 -22.69 -16.71 -3.49
CA GLU A 239 -24.13 -17.00 -3.51
C GLU A 239 -24.93 -16.24 -2.45
N GLY B 30 -16.73 -0.33 6.27
CA GLY B 30 -17.39 0.12 5.01
C GLY B 30 -16.47 0.95 4.10
N THR B 31 -15.18 0.94 4.42
CA THR B 31 -14.18 1.64 3.62
C THR B 31 -13.52 0.69 2.61
N ILE B 32 -13.35 1.17 1.39
CA ILE B 32 -12.51 0.50 0.43
C ILE B 32 -11.42 1.46 -0.02
N LEU B 33 -10.26 0.91 -0.36
CA LEU B 33 -9.11 1.70 -0.81
C LEU B 33 -8.84 1.41 -2.27
N ILE B 34 -8.82 2.44 -3.11
CA ILE B 34 -8.54 2.27 -4.53
C ILE B 34 -7.16 2.84 -4.87
N ASP B 35 -6.31 2.02 -5.47
CA ASP B 35 -4.96 2.48 -5.83
C ASP B 35 -5.00 3.45 -6.95
N LEU B 36 -4.17 4.47 -6.86
CA LEU B 36 -3.97 5.33 -8.00
C LEU B 36 -2.67 4.88 -8.68
N SER B 37 -2.70 4.90 -10.01
CA SER B 37 -1.56 4.62 -10.83
C SER B 37 -0.65 5.83 -10.85
N PRO B 38 0.68 5.61 -10.79
CA PRO B 38 1.67 6.69 -10.95
C PRO B 38 1.54 7.50 -12.24
N ASP B 39 0.89 6.93 -13.24
CA ASP B 39 0.72 7.58 -14.53
C ASP B 39 -0.47 8.52 -14.57
N ASP B 40 -1.30 8.45 -13.56
CA ASP B 40 -2.56 9.16 -13.47
C ASP B 40 -2.24 10.58 -12.97
N LYS B 41 -2.83 11.59 -13.59
CA LYS B 41 -2.58 12.97 -13.17
C LYS B 41 -2.87 13.20 -11.69
N GLU B 42 -3.85 12.47 -11.16
CA GLU B 42 -4.27 12.63 -9.78
C GLU B 42 -3.20 12.16 -8.80
N PHE B 43 -2.60 11.03 -9.11
CA PHE B 43 -1.50 10.50 -8.31
C PHE B 43 -0.40 11.55 -8.33
N GLN B 44 -0.15 12.11 -9.49
CA GLN B 44 0.96 13.05 -9.71
C GLN B 44 0.83 14.37 -8.96
N SER B 45 -0.39 14.90 -8.89
CA SER B 45 -0.62 16.16 -8.18
C SER B 45 -0.51 15.93 -6.70
N VAL B 46 -1.00 14.80 -6.22
CA VAL B 46 -0.86 14.48 -4.82
C VAL B 46 0.61 14.31 -4.42
N GLU B 47 1.39 13.59 -5.23
CA GLU B 47 2.83 13.54 -4.98
C GLU B 47 3.47 14.92 -4.99
N GLU B 48 3.16 15.73 -6.00
CA GLU B 48 3.78 17.05 -6.07
C GLU B 48 3.44 17.87 -4.81
N GLU B 49 2.23 17.70 -4.28
CA GLU B 49 1.84 18.40 -3.08
C GLU B 49 2.63 17.93 -1.86
N MET B 50 2.80 16.61 -1.74
CA MET B 50 3.71 16.04 -0.73
C MET B 50 5.10 16.65 -0.83
N GLN B 51 5.71 16.50 -2.01
CA GLN B 51 7.13 16.85 -2.22
C GLN B 51 7.40 18.35 -2.14
N SER B 52 6.52 19.19 -2.68
CA SER B 52 6.78 20.63 -2.76
C SER B 52 6.58 21.36 -1.42
N THR B 53 5.99 20.67 -0.44
CA THR B 53 5.66 21.27 0.85
C THR B 53 6.52 20.70 1.98
N VAL B 54 7.61 20.00 1.63
CA VAL B 54 8.64 19.70 2.59
C VAL B 54 9.39 20.98 2.93
N ARG B 55 9.63 21.22 4.21
CA ARG B 55 10.47 22.32 4.64
C ARG B 55 11.42 21.81 5.69
N GLU B 56 12.31 22.70 6.11
CA GLU B 56 13.15 22.42 7.26
C GLU B 56 12.40 22.70 8.54
N HIS B 57 12.73 21.93 9.58
CA HIS B 57 12.08 22.09 10.87
C HIS B 57 13.07 22.56 11.94
N ARG B 58 12.56 23.22 12.96
CA ARG B 58 13.39 23.89 13.95
C ARG B 58 14.05 22.87 14.88
N ASP B 59 13.54 21.65 14.89
CA ASP B 59 14.15 20.58 15.66
C ASP B 59 15.29 19.84 14.95
N GLY B 60 15.73 20.35 13.80
CA GLY B 60 16.84 19.72 13.05
C GLY B 60 16.54 18.29 12.62
N GLY B 61 15.26 17.93 12.53
CA GLY B 61 14.84 16.56 12.20
C GLY B 61 14.58 15.62 13.36
N HIS B 62 14.67 16.10 14.59
CA HIS B 62 14.49 15.25 15.77
C HIS B 62 13.18 14.45 15.73
N ALA B 63 12.07 15.11 15.43
CA ALA B 63 10.74 14.49 15.52
C ALA B 63 10.43 13.63 14.30
N GLY B 64 10.64 14.16 13.11
CA GLY B 64 10.25 13.46 11.90
C GLY B 64 11.35 12.89 11.02
N GLY B 65 12.61 13.21 11.35
CA GLY B 65 13.75 12.77 10.56
C GLY B 65 14.36 13.84 9.72
N ILE B 66 15.50 13.50 9.13
CA ILE B 66 16.28 14.40 8.29
C ILE B 66 16.06 13.97 6.85
N PHE B 67 15.53 14.87 6.04
CA PHE B 67 15.20 14.58 4.64
C PHE B 67 14.74 15.85 3.98
N ASN B 68 14.91 15.92 2.66
CA ASN B 68 14.37 16.99 1.85
C ASN B 68 13.27 16.54 0.90
N ARG B 69 13.11 15.22 0.73
CA ARG B 69 12.11 14.65 -0.14
C ARG B 69 11.72 13.25 0.26
N TYR B 70 10.63 12.78 -0.32
CA TYR B 70 10.07 11.48 0.04
C TYR B 70 10.22 10.51 -1.13
N ASN B 71 10.21 9.23 -0.83
CA ASN B 71 9.93 8.19 -1.83
C ASN B 71 8.47 7.77 -1.67
N ILE B 72 7.62 8.12 -2.64
CA ILE B 72 6.20 7.77 -2.60
C ILE B 72 6.01 6.35 -3.12
N LEU B 73 5.50 5.45 -2.29
CA LEU B 73 5.32 4.03 -2.60
C LEU B 73 3.92 3.71 -3.10
N LYS B 74 2.92 4.43 -2.61
CA LYS B 74 1.54 4.19 -2.96
C LYS B 74 0.67 5.40 -2.58
N ILE B 75 -0.30 5.70 -3.44
CA ILE B 75 -1.37 6.66 -3.12
C ILE B 75 -2.70 6.03 -3.43
N GLN B 76 -3.53 5.95 -2.41
CA GLN B 76 -4.86 5.31 -2.46
C GLN B 76 -5.96 6.28 -2.13
N LYS B 77 -7.08 6.17 -2.84
CA LYS B 77 -8.26 6.96 -2.56
C LYS B 77 -9.02 6.21 -1.51
N VAL B 78 -9.47 6.91 -0.47
CA VAL B 78 -10.22 6.30 0.62
C VAL B 78 -11.73 6.48 0.38
N CYS B 79 -12.45 5.38 0.13
CA CYS B 79 -13.84 5.45 -0.26
C CYS B 79 -14.71 4.85 0.80
N ASN B 80 -15.56 5.70 1.38
CA ASN B 80 -16.50 5.29 2.38
C ASN B 80 -17.73 6.20 2.28
N LYS B 81 -18.80 5.65 1.72
CA LYS B 81 -20.05 6.38 1.45
C LYS B 81 -20.60 7.02 2.75
N LYS B 82 -20.66 6.24 3.81
CA LYS B 82 -21.21 6.74 5.03
C LYS B 82 -20.40 7.92 5.55
N LEU B 83 -19.07 7.75 5.58
CA LEU B 83 -18.19 8.79 6.09
C LEU B 83 -18.16 10.02 5.22
N TRP B 84 -18.41 9.83 3.93
CA TRP B 84 -18.49 10.93 2.98
C TRP B 84 -19.74 11.78 3.23
N GLU B 85 -20.84 11.09 3.56
CA GLU B 85 -22.12 11.75 3.80
C GLU B 85 -22.11 12.49 5.13
N ARG B 86 -21.51 11.90 6.15
CA ARG B 86 -21.28 12.63 7.37
C ARG B 86 -20.51 13.94 7.10
N TYR B 87 -19.44 13.85 6.30
CA TYR B 87 -18.63 15.02 5.98
C TYR B 87 -19.44 16.06 5.21
N THR B 88 -20.13 15.64 4.14
CA THR B 88 -20.90 16.58 3.29
C THR B 88 -22.07 17.26 4.00
N HIS B 89 -22.71 16.55 4.91
CA HIS B 89 -23.77 17.12 5.73
C HIS B 89 -23.24 18.24 6.63
N ARG B 90 -22.12 17.99 7.30
CA ARG B 90 -21.50 19.02 8.09
C ARG B 90 -20.97 20.15 7.22
N ARG B 91 -20.43 19.83 6.06
CA ARG B 91 -19.98 20.87 5.16
C ARG B 91 -21.12 21.83 4.80
N LYS B 92 -22.34 21.28 4.72
CA LYS B 92 -23.53 22.05 4.34
C LYS B 92 -23.94 22.99 5.47
N GLU B 93 -23.94 22.51 6.71
CA GLU B 93 -24.26 23.30 7.89
C GLU B 93 -23.30 24.45 8.04
N VAL B 94 -22.01 24.15 7.98
CA VAL B 94 -20.97 25.16 8.14
C VAL B 94 -21.04 26.17 7.00
N SER B 95 -21.21 25.70 5.78
CA SER B 95 -21.31 26.60 4.65
C SER B 95 -22.46 27.59 4.84
N GLU B 96 -23.62 27.09 5.30
CA GLU B 96 -24.79 27.96 5.47
C GLU B 96 -24.61 28.95 6.64
N GLU B 97 -23.89 28.54 7.68
CA GLU B 97 -23.57 29.44 8.78
C GLU B 97 -22.52 30.45 8.40
N ASN B 98 -21.72 30.15 7.39
CA ASN B 98 -20.65 31.04 6.94
C ASN B 98 -21.00 31.71 5.64
N HIS B 99 -22.30 31.92 5.42
CA HIS B 99 -22.82 32.69 4.29
C HIS B 99 -22.41 32.10 2.95
N ASN B 100 -22.78 30.83 2.78
CA ASN B 100 -22.55 30.07 1.58
C ASN B 100 -21.02 29.94 1.22
N HIS B 101 -20.19 29.59 2.21
CA HIS B 101 -18.74 29.42 1.99
C HIS B 101 -18.17 28.37 2.94
N ALA B 102 -17.90 27.20 2.40
CA ALA B 102 -17.35 26.09 3.15
C ALA B 102 -15.93 26.38 3.61
N ASN B 103 -15.18 27.11 2.79
CA ASN B 103 -13.77 27.38 3.06
C ASN B 103 -13.03 26.03 3.18
N GLU B 104 -13.23 25.20 2.15
CA GLU B 104 -12.72 23.85 2.14
C GLU B 104 -11.32 23.81 1.52
N ARG B 105 -10.43 23.07 2.18
CA ARG B 105 -9.02 22.94 1.79
C ARG B 105 -8.62 21.46 1.73
N MET B 106 -7.51 21.17 1.03
CA MET B 106 -6.83 19.87 1.12
C MET B 106 -5.58 20.08 1.98
N LEU B 107 -5.51 19.36 3.09
CA LEU B 107 -4.45 19.50 4.08
C LEU B 107 -3.95 18.13 4.51
N PHE B 108 -2.69 18.06 4.96
CA PHE B 108 -2.14 16.81 5.44
C PHE B 108 -2.48 16.57 6.90
N HIS B 109 -2.48 15.28 7.27
CA HIS B 109 -2.62 14.84 8.64
C HIS B 109 -1.77 13.59 8.88
N GLY B 110 -0.93 13.64 9.89
CA GLY B 110 -0.15 12.48 10.28
C GLY B 110 -0.59 12.08 11.66
N SER B 111 -0.70 10.79 11.90
CA SER B 111 -1.18 10.33 13.17
C SER B 111 -0.89 8.87 13.40
N PRO B 112 -0.67 8.48 14.66
CA PRO B 112 -0.51 7.06 14.97
C PRO B 112 -1.81 6.29 14.80
N PHE B 113 -2.93 7.02 14.62
CA PHE B 113 -4.24 6.42 14.50
C PHE B 113 -4.75 6.41 13.06
N VAL B 114 -3.84 6.56 12.09
CA VAL B 114 -4.25 6.63 10.70
C VAL B 114 -5.07 5.40 10.27
N ASN B 115 -4.71 4.21 10.73
CA ASN B 115 -5.48 3.02 10.26
C ASN B 115 -6.89 2.98 10.88
N ALA B 116 -7.06 3.47 12.10
CA ALA B 116 -8.42 3.70 12.65
C ALA B 116 -9.21 4.81 11.92
N ILE B 117 -8.55 5.88 11.52
CA ILE B 117 -9.25 7.02 10.90
C ILE B 117 -9.93 6.68 9.56
N ILE B 118 -9.22 5.96 8.71
CA ILE B 118 -9.76 5.59 7.40
C ILE B 118 -10.98 4.67 7.49
N HIS B 119 -11.14 3.94 8.61
CA HIS B 119 -12.26 3.00 8.75
C HIS B 119 -13.42 3.57 9.52
N LYS B 120 -13.13 4.37 10.55
CA LYS B 120 -14.14 4.90 11.43
C LYS B 120 -14.29 6.43 11.39
N GLY B 121 -13.47 7.10 10.59
CA GLY B 121 -13.61 8.55 10.38
C GLY B 121 -12.95 9.32 11.49
N PHE B 122 -12.81 10.63 11.33
CA PHE B 122 -12.24 11.47 12.40
C PHE B 122 -13.22 11.65 13.56
N ASP B 123 -12.72 11.47 14.78
CA ASP B 123 -13.47 11.87 15.99
C ASP B 123 -12.54 12.22 17.17
N GLU B 124 -13.13 12.54 18.32
CA GLU B 124 -12.41 12.98 19.52
C GLU B 124 -11.12 12.23 19.87
N ARG B 125 -11.07 10.93 19.55
CA ARG B 125 -9.90 10.09 19.85
C ARG B 125 -8.68 10.50 19.03
N HIS B 126 -8.91 11.32 18.02
CA HIS B 126 -7.83 11.70 17.10
C HIS B 126 -7.32 13.10 17.33
N ALA B 127 -7.75 13.70 18.45
CA ALA B 127 -7.38 15.06 18.80
C ALA B 127 -5.99 15.06 19.39
N TYR B 128 -5.29 16.16 19.13
CA TYR B 128 -4.03 16.43 19.79
C TYR B 128 -4.44 17.28 20.99
N ILE B 129 -4.38 16.68 22.18
CA ILE B 129 -4.88 17.32 23.40
C ILE B 129 -4.00 18.50 23.84
N GLY B 130 -2.68 18.34 23.78
CA GLY B 130 -1.77 19.40 24.15
C GLY B 130 -1.37 20.34 23.01
N GLY B 131 -2.21 20.47 21.99
CA GLY B 131 -1.90 21.38 20.90
C GLY B 131 -2.00 22.83 21.34
N MET B 132 -1.23 23.68 20.70
CA MET B 132 -1.18 25.10 21.00
C MET B 132 -2.50 25.85 20.80
N PHE B 133 -3.43 25.26 20.07
CA PHE B 133 -4.71 25.88 19.79
C PHE B 133 -5.82 25.10 20.48
N GLY B 134 -5.47 24.39 21.54
CA GLY B 134 -6.44 23.60 22.28
C GLY B 134 -6.61 22.20 21.71
N ALA B 135 -7.44 21.43 22.41
CA ALA B 135 -7.69 20.04 22.10
C ALA B 135 -8.55 20.00 20.83
N GLY B 136 -7.92 19.72 19.71
CA GLY B 136 -8.65 19.50 18.46
C GLY B 136 -7.85 18.66 17.48
N ILE B 137 -8.37 18.55 16.27
CA ILE B 137 -7.72 17.72 15.25
C ILE B 137 -6.95 18.67 14.35
N TYR B 138 -5.65 18.42 14.24
CA TYR B 138 -4.70 19.31 13.61
C TYR B 138 -4.31 18.88 12.19
N PHE B 139 -4.26 19.85 11.29
CA PHE B 139 -3.87 19.61 9.93
C PHE B 139 -2.80 20.59 9.50
N ALA B 140 -2.04 20.20 8.48
CA ALA B 140 -0.88 20.96 8.00
C ALA B 140 -0.84 21.16 6.49
N GLU B 141 -0.42 22.37 6.08
CA GLU B 141 -0.07 22.61 4.71
C GLU B 141 1.30 21.97 4.36
N ASN B 142 2.19 21.93 5.34
CA ASN B 142 3.51 21.32 5.18
C ASN B 142 3.42 19.83 5.44
N SER B 143 3.62 19.00 4.42
CA SER B 143 3.63 17.55 4.59
C SER B 143 4.61 17.09 5.67
N SER B 144 5.74 17.79 5.75
CA SER B 144 6.82 17.44 6.68
C SER B 144 6.44 17.74 8.10
N LYS B 145 5.50 18.66 8.29
CA LYS B 145 4.97 18.92 9.61
C LYS B 145 4.14 17.73 10.09
N SER B 146 3.24 17.25 9.26
CA SER B 146 2.44 16.08 9.62
C SER B 146 3.32 14.82 9.77
N ASN B 147 4.37 14.69 8.96
CA ASN B 147 5.36 13.59 9.11
C ASN B 147 5.95 13.48 10.53
N GLN B 148 6.06 14.62 11.21
CA GLN B 148 6.50 14.65 12.61
C GLN B 148 5.62 13.83 13.56
N TYR B 149 4.33 13.64 13.23
CA TYR B 149 3.37 12.92 14.11
C TYR B 149 3.01 11.44 13.73
N VAL B 150 3.64 10.95 12.67
CA VAL B 150 3.37 9.62 12.13
C VAL B 150 3.63 8.55 13.18
N TYR B 151 4.70 8.71 13.93
CA TYR B 151 4.98 7.79 15.02
C TYR B 151 4.62 8.33 16.39
N GLY B 152 3.73 9.32 16.42
CA GLY B 152 3.23 9.88 17.69
C GLY B 152 3.71 11.30 17.92
N ILE B 153 3.32 11.88 19.04
CA ILE B 153 3.67 13.24 19.39
C ILE B 153 5.17 13.34 19.46
N GLY B 154 5.74 14.37 18.85
CA GLY B 154 7.20 14.53 18.78
C GLY B 154 7.94 13.35 18.17
N GLY B 155 7.24 12.54 17.37
CA GLY B 155 7.80 11.36 16.74
C GLY B 155 7.90 10.13 17.63
N GLY B 156 7.38 10.22 18.86
CA GLY B 156 7.40 9.08 19.77
C GLY B 156 8.81 8.58 19.90
N THR B 157 8.99 7.27 19.86
CA THR B 157 10.32 6.65 19.84
C THR B 157 10.70 6.17 18.42
N GLY B 158 10.02 6.71 17.41
CA GLY B 158 10.34 6.41 16.02
C GLY B 158 9.71 5.13 15.54
N CYS B 159 10.22 4.57 14.44
CA CYS B 159 9.60 3.37 13.84
C CYS B 159 9.59 2.22 14.81
N PRO B 160 8.55 1.37 14.74
CA PRO B 160 8.51 0.19 15.61
C PRO B 160 9.71 -0.74 15.51
N VAL B 161 10.28 -0.90 14.33
CA VAL B 161 11.29 -1.93 14.11
C VAL B 161 12.66 -1.47 14.56
N HIS B 162 13.03 -0.23 14.26
CA HIS B 162 14.36 0.28 14.59
C HIS B 162 14.43 1.32 15.71
N LYS B 163 13.28 1.77 16.22
CA LYS B 163 13.22 2.86 17.18
C LYS B 163 14.00 4.09 16.68
N ASP B 164 13.75 4.43 15.41
CA ASP B 164 14.46 5.49 14.74
C ASP B 164 13.44 6.46 14.17
N ARG B 165 13.43 7.68 14.67
CA ARG B 165 12.55 8.73 14.15
C ARG B 165 12.93 9.14 12.75
N SER B 166 14.20 8.97 12.39
CA SER B 166 14.66 9.26 11.04
C SER B 166 14.84 7.95 10.18
N CYS B 167 14.03 6.91 10.42
CA CYS B 167 14.19 5.63 9.70
C CYS B 167 13.95 5.89 8.24
N TYR B 168 14.90 5.46 7.41
CA TYR B 168 14.78 5.47 5.96
C TYR B 168 14.28 4.16 5.35
N ILE B 169 14.04 3.15 6.18
CA ILE B 169 13.67 1.85 5.69
C ILE B 169 12.17 1.62 5.82
N CYS B 170 11.63 1.90 6.99
CA CYS B 170 10.26 1.55 7.30
C CYS B 170 9.26 2.48 6.60
N HIS B 171 8.12 1.91 6.25
CA HIS B 171 7.11 2.59 5.49
C HIS B 171 6.31 3.43 6.43
N ARG B 172 5.98 4.64 6.01
CA ARG B 172 5.11 5.56 6.74
C ARG B 172 3.81 5.81 5.97
N GLN B 173 2.78 6.26 6.69
CA GLN B 173 1.53 6.66 6.04
C GLN B 173 1.09 8.04 6.52
N LEU B 174 0.71 8.89 5.57
CA LEU B 174 0.14 10.21 5.85
C LEU B 174 -1.21 10.22 5.17
N LEU B 175 -2.10 11.09 5.61
CA LEU B 175 -3.36 11.32 4.95
C LEU B 175 -3.36 12.71 4.34
N PHE B 176 -4.06 12.86 3.23
CA PHE B 176 -4.25 14.14 2.58
C PHE B 176 -5.78 14.25 2.53
N CYS B 177 -6.30 15.25 3.24
CA CYS B 177 -7.69 15.24 3.68
C CYS B 177 -8.49 16.43 3.19
N ARG B 178 -9.79 16.23 3.02
CA ARG B 178 -10.68 17.32 2.71
C ARG B 178 -11.13 17.94 4.04
N VAL B 179 -10.84 19.22 4.24
CA VAL B 179 -11.12 19.89 5.53
C VAL B 179 -11.96 21.15 5.36
N THR B 180 -13.07 21.22 6.11
CA THR B 180 -13.99 22.35 6.09
C THR B 180 -13.61 23.31 7.19
N LEU B 181 -13.07 24.47 6.83
CA LEU B 181 -12.65 25.44 7.82
C LEU B 181 -13.75 26.40 8.25
N GLY B 182 -14.72 26.64 7.36
CA GLY B 182 -15.73 27.67 7.56
C GLY B 182 -15.10 29.02 7.91
N LYS B 183 -15.68 29.70 8.91
CA LYS B 183 -15.09 30.93 9.44
C LYS B 183 -13.99 30.48 10.37
N SER B 184 -12.75 30.74 9.97
CA SER B 184 -11.60 30.30 10.74
C SER B 184 -11.03 31.46 11.54
N PHE B 185 -10.69 31.19 12.81
CA PHE B 185 -10.08 32.18 13.67
C PHE B 185 -8.58 32.21 13.43
N LEU B 186 -8.09 33.39 13.03
CA LEU B 186 -6.69 33.57 12.78
C LEU B 186 -5.91 33.80 14.08
N GLN B 187 -5.05 32.84 14.38
CA GLN B 187 -4.15 32.88 15.51
C GLN B 187 -2.72 32.89 15.00
N PHE B 188 -2.00 33.98 15.22
CA PHE B 188 -0.59 33.97 14.86
C PHE B 188 0.16 33.21 15.92
N SER B 189 1.06 32.33 15.51
CA SER B 189 1.83 31.51 16.44
C SER B 189 3.26 32.01 16.42
N ALA B 190 3.97 31.78 17.52
CA ALA B 190 5.35 32.28 17.69
C ALA B 190 6.42 31.40 17.03
N MET B 191 6.00 30.34 16.35
CA MET B 191 6.92 29.38 15.73
C MET B 191 7.63 29.93 14.46
N MET B 193 -12.42 17.08 23.96
CA MET B 193 -12.08 18.00 22.89
C MET B 193 -12.63 19.41 23.22
N ALA B 194 -11.84 20.43 22.89
CA ALA B 194 -12.21 21.83 23.14
C ALA B 194 -13.24 22.29 22.12
N HIS B 195 -13.62 23.56 22.19
CA HIS B 195 -14.64 24.08 21.30
C HIS B 195 -14.07 25.19 20.45
N SER B 196 -14.73 25.40 19.31
CA SER B 196 -14.32 26.43 18.37
C SER B 196 -14.56 27.80 19.01
N PRO B 197 -13.71 28.79 18.66
CA PRO B 197 -13.97 30.17 19.07
C PRO B 197 -15.35 30.60 18.62
N PRO B 198 -16.09 31.34 19.48
CA PRO B 198 -17.44 31.78 19.14
C PRO B 198 -17.63 32.41 17.75
N GLY B 199 -18.57 31.87 16.99
CA GLY B 199 -18.89 32.33 15.66
C GLY B 199 -17.90 31.82 14.62
N HIS B 200 -17.02 30.91 15.03
CA HIS B 200 -15.97 30.40 14.15
C HIS B 200 -16.06 28.87 14.11
N HIS B 201 -15.55 28.29 13.03
CA HIS B 201 -15.64 26.85 12.78
C HIS B 201 -14.29 26.13 12.82
N SER B 202 -13.22 26.90 12.93
CA SER B 202 -11.87 26.35 13.03
C SER B 202 -10.91 27.44 13.48
N VAL B 203 -9.68 27.02 13.82
CA VAL B 203 -8.56 27.91 14.08
C VAL B 203 -7.49 27.75 13.02
N THR B 204 -7.00 28.86 12.49
CA THR B 204 -5.83 28.90 11.61
C THR B 204 -4.60 29.36 12.39
N GLY B 205 -3.64 28.45 12.55
CA GLY B 205 -2.39 28.73 13.26
C GLY B 205 -1.36 29.13 12.24
N ARG B 206 -0.98 30.41 12.23
CA ARG B 206 -0.10 30.91 11.20
C ARG B 206 1.22 31.36 11.83
N PRO B 207 2.32 30.67 11.53
CA PRO B 207 3.62 31.04 12.08
C PRO B 207 4.08 32.44 11.70
N SER B 208 4.46 33.22 12.70
CA SER B 208 4.84 34.61 12.51
C SER B 208 6.37 34.82 12.62
N VAL B 209 7.12 33.85 13.11
CA VAL B 209 8.59 33.99 13.11
C VAL B 209 9.23 33.32 11.89
N ASN B 210 9.02 32.02 11.71
CA ASN B 210 9.46 31.36 10.48
C ASN B 210 8.55 31.64 9.27
N GLY B 211 8.99 32.54 8.39
CA GLY B 211 8.23 32.86 7.18
C GLY B 211 8.23 31.78 6.11
N LEU B 212 9.01 30.70 6.28
CA LEU B 212 8.91 29.55 5.38
C LEU B 212 7.96 28.48 5.89
N ALA B 213 7.53 28.58 7.15
CA ALA B 213 6.60 27.64 7.71
C ALA B 213 5.19 27.96 7.24
N LEU B 214 4.49 26.96 6.72
CA LEU B 214 3.11 27.16 6.27
C LEU B 214 2.13 27.01 7.43
N ALA B 215 0.87 27.33 7.18
CA ALA B 215 -0.16 27.33 8.21
C ALA B 215 -0.54 25.94 8.70
N GLU B 216 -1.05 25.93 9.91
CA GLU B 216 -1.58 24.73 10.55
C GLU B 216 -3.04 25.02 10.93
N TYR B 217 -3.89 24.02 10.90
CA TYR B 217 -5.31 24.26 11.12
C TYR B 217 -5.88 23.26 12.10
N VAL B 218 -6.91 23.72 12.82
CA VAL B 218 -7.55 22.92 13.86
C VAL B 218 -9.05 22.97 13.68
N ILE B 219 -9.66 21.78 13.69
CA ILE B 219 -11.10 21.66 13.72
C ILE B 219 -11.45 21.01 15.01
N TYR B 220 -12.65 21.26 15.51
CA TYR B 220 -13.05 20.78 16.83
C TYR B 220 -14.19 19.79 16.71
N ARG B 221 -14.53 19.45 15.46
CA ARG B 221 -15.42 18.34 15.17
C ARG B 221 -14.86 17.50 14.01
N GLY B 222 -14.82 16.18 14.22
CA GLY B 222 -14.27 15.26 13.24
C GLY B 222 -15.04 15.26 11.93
N GLU B 223 -16.34 15.55 12.02
CA GLU B 223 -17.18 15.62 10.84
C GLU B 223 -16.72 16.68 9.86
N GLN B 224 -15.92 17.65 10.30
CA GLN B 224 -15.38 18.66 9.38
C GLN B 224 -14.17 18.22 8.56
N ALA B 225 -13.84 16.93 8.62
CA ALA B 225 -12.76 16.40 7.78
C ALA B 225 -13.07 15.02 7.16
N TYR B 226 -12.57 14.80 5.95
CA TYR B 226 -12.65 13.53 5.27
C TYR B 226 -11.26 13.08 4.76
N PRO B 227 -10.79 11.88 5.19
CA PRO B 227 -9.46 11.42 4.84
C PRO B 227 -9.45 10.83 3.43
N GLU B 228 -9.37 11.69 2.42
CA GLU B 228 -9.57 11.30 1.05
C GLU B 228 -8.45 10.46 0.43
N TYR B 229 -7.20 10.73 0.81
CA TYR B 229 -6.04 9.97 0.28
C TYR B 229 -5.16 9.44 1.39
N LEU B 230 -4.76 8.19 1.23
CA LEU B 230 -3.80 7.52 2.10
C LEU B 230 -2.51 7.36 1.32
N ILE B 231 -1.42 7.88 1.88
CA ILE B 231 -0.16 8.03 1.16
C ILE B 231 0.86 7.20 1.92
N THR B 232 1.47 6.23 1.23
CA THR B 232 2.55 5.40 1.77
C THR B 232 3.87 5.82 1.14
N TYR B 233 4.90 5.98 1.97
CA TYR B 233 6.15 6.62 1.56
C TYR B 233 7.27 6.30 2.53
N GLN B 234 8.49 6.57 2.12
CA GLN B 234 9.64 6.60 3.02
C GLN B 234 10.19 8.02 2.92
N ILE B 235 10.82 8.49 3.99
CA ILE B 235 11.60 9.70 3.88
C ILE B 235 12.91 9.26 3.25
N MET B 236 13.53 10.11 2.44
CA MET B 236 14.80 9.78 1.77
C MET B 236 15.98 10.51 2.42
N ARG B 237 17.08 9.78 2.61
CA ARG B 237 18.32 10.34 3.11
C ARG B 237 18.88 11.29 2.05
N PRO B 238 19.26 12.52 2.46
CA PRO B 238 19.85 13.45 1.49
C PRO B 238 21.17 12.97 0.90
N GLU B 239 21.37 13.14 -0.40
CA GLU B 239 22.69 12.97 -1.03
C GLU B 239 23.60 14.12 -0.61
ZN ZN C . -14.79 -11.54 -19.48
S SO4 D . -4.82 -5.57 -0.31
O1 SO4 D . -5.60 -6.14 0.78
O2 SO4 D . -4.07 -6.55 -1.08
O3 SO4 D . -5.77 -5.00 -1.27
O4 SO4 D . -3.90 -4.54 0.11
S SO4 E . 20.33 -9.87 -6.50
O1 SO4 E . 20.15 -9.88 -7.95
O2 SO4 E . 20.65 -8.50 -6.11
O3 SO4 E . 19.11 -10.35 -5.86
O4 SO4 E . 21.41 -10.77 -6.12
S SO4 F . -19.49 -18.74 -2.10
O1 SO4 F . -20.93 -18.49 -2.07
O2 SO4 F . -19.17 -20.02 -1.43
O3 SO4 F . -19.00 -18.74 -3.47
O4 SO4 F . -18.80 -17.71 -1.33
C1 CDJ G . 2.14 -10.17 -4.83
C2 CDJ G . 2.41 -8.80 -4.83
C3 CDJ G . 2.53 -8.13 -6.04
C4 CDJ G . 2.40 -8.85 -7.25
C5 CDJ G . 2.15 -10.23 -7.23
C6 CDJ G . 2.01 -10.90 -6.02
N7 CDJ G . 2.78 -6.82 -6.07
C11 CDJ G . 2.02 -10.92 -8.45
N12 CDJ G . 2.18 -10.23 -9.62
O13 CDJ G . 1.72 -12.12 -8.52
C14 CDJ G . 2.66 -8.28 -10.95
C15 CDJ G . 3.04 -9.10 -12.05
C16 CDJ G . 3.33 -8.55 -13.30
C17 CDJ G . 3.29 -7.16 -13.49
C18 CDJ G . 2.95 -6.36 -12.40
C19 CDJ G . 2.68 -6.89 -11.14
CL CDJ G . 3.63 -6.43 -15.03
CAI CDJ G . 2.44 -8.87 -9.69
CAH CDJ G . 2.58 -8.18 -8.47
C1 GOL H . 15.30 -1.73 0.74
O1 GOL H . 15.97 -2.12 1.91
C2 GOL H . 14.45 -2.88 0.19
O2 GOL H . 13.07 -2.54 0.21
C3 GOL H . 14.93 -3.33 -1.20
O3 GOL H . 14.33 -2.59 -2.26
ZN ZN I . 12.55 1.45 10.83
S SO4 J . 8.80 23.46 13.56
O1 SO4 J . 8.15 22.19 13.23
O2 SO4 J . 7.84 24.52 13.33
O3 SO4 J . 9.09 23.57 14.98
O4 SO4 J . 9.96 23.69 12.72
S SO4 K . 18.51 15.22 -1.70
O1 SO4 K . 19.61 14.33 -2.06
O2 SO4 K . 17.94 15.92 -2.85
O3 SO4 K . 17.50 14.39 -1.06
O4 SO4 K . 19.10 16.23 -0.83
C1 CDJ L . 0.07 20.27 12.15
C2 CDJ L . 0.32 20.56 13.49
C3 CDJ L . 0.16 19.59 14.47
C4 CDJ L . -0.26 18.30 14.09
C5 CDJ L . -0.49 18.00 12.74
C6 CDJ L . -0.31 18.99 11.76
N7 CDJ L . 0.41 19.96 15.73
C11 CDJ L . -0.89 16.72 12.36
N12 CDJ L . -1.10 15.73 13.30
O13 CDJ L . -1.10 16.43 11.18
C14 CDJ L . -1.12 15.03 15.63
C15 CDJ L . -1.83 13.87 15.28
C16 CDJ L . -2.17 12.91 16.24
C17 CDJ L . -1.89 13.11 17.58
C18 CDJ L . -1.23 14.29 17.95
C19 CDJ L . -0.85 15.26 17.00
CL CDJ L . -2.32 11.89 18.78
CAI CDJ L . -0.85 16.01 14.68
CAH CDJ L . -0.47 17.30 15.06
C1 GOL M . 13.63 18.92 7.52
O1 GOL M . 12.77 18.11 6.74
C2 GOL M . 14.82 18.24 8.22
O2 GOL M . 15.72 17.69 7.29
C3 GOL M . 15.50 19.26 9.13
O3 GOL M . 16.91 19.26 9.00
#